data_2LD2
#
_entry.id   2LD2
#
_entity_poly.entity_id   1
_entity_poly.type   'polypeptide(L)'
_entity_poly.pdbx_seq_one_letter_code
;MATLEKLMKAFESLKSF(NH2)
;
_entity_poly.pdbx_strand_id   A
#
# COMPACT_ATOMS: atom_id res chain seq x y z
N MET A 1 10.34 10.31 2.32
CA MET A 1 10.71 9.89 0.95
C MET A 1 9.54 9.16 0.29
N ALA A 2 9.01 9.70 -0.79
CA ALA A 2 7.87 9.02 -1.47
C ALA A 2 8.42 7.96 -2.42
N THR A 3 9.11 6.98 -1.89
CA THR A 3 9.67 5.91 -2.75
C THR A 3 8.67 4.76 -2.81
N LEU A 4 8.37 4.17 -1.68
CA LEU A 4 7.38 3.05 -1.67
C LEU A 4 5.99 3.59 -1.30
N GLU A 5 5.71 4.84 -1.62
CA GLU A 5 4.37 5.43 -1.29
C GLU A 5 3.24 4.49 -1.75
N LYS A 6 3.46 3.74 -2.80
CA LYS A 6 2.39 2.82 -3.30
C LYS A 6 2.11 1.71 -2.30
N LEU A 7 3.12 1.24 -1.60
CA LEU A 7 2.91 0.16 -0.60
C LEU A 7 1.64 0.41 0.22
N MET A 8 1.29 1.64 0.42
CA MET A 8 0.07 1.91 1.24
C MET A 8 -1.17 1.42 0.49
N LYS A 9 -1.45 1.96 -0.67
CA LYS A 9 -2.63 1.46 -1.44
C LYS A 9 -2.36 0.01 -1.83
N ALA A 10 -1.13 -0.31 -2.12
CA ALA A 10 -0.76 -1.72 -2.46
C ALA A 10 -1.20 -2.60 -1.33
N PHE A 11 -0.67 -2.29 -0.19
CA PHE A 11 -0.94 -3.09 0.99
C PHE A 11 -2.37 -3.06 1.40
N GLU A 12 -2.95 -1.93 1.48
CA GLU A 12 -4.34 -1.95 1.93
C GLU A 12 -5.12 -2.77 0.88
N SER A 13 -4.81 -2.58 -0.38
CA SER A 13 -5.46 -3.40 -1.45
C SER A 13 -5.06 -4.87 -1.25
N LEU A 14 -4.01 -5.10 -0.49
CA LEU A 14 -3.52 -6.46 -0.17
C LEU A 14 -4.28 -6.93 1.06
N LYS A 15 -4.42 -6.04 2.01
CA LYS A 15 -5.19 -6.32 3.22
C LYS A 15 -6.50 -6.93 2.75
N SER A 16 -7.04 -6.30 1.75
CA SER A 16 -8.30 -6.76 1.08
C SER A 16 -8.32 -8.29 0.99
N PHE A 17 -7.33 -8.85 0.36
CA PHE A 17 -7.27 -10.33 0.22
C PHE A 17 -6.29 -10.94 1.23
N MET A 1 8.59 5.68 6.40
CA MET A 1 7.61 6.81 6.53
C MET A 1 6.79 6.92 5.25
N ALA A 2 6.18 8.06 5.00
CA ALA A 2 5.37 8.24 3.76
C ALA A 2 6.28 8.39 2.52
N THR A 3 7.22 7.49 2.36
CA THR A 3 8.14 7.54 1.20
C THR A 3 7.64 6.58 0.13
N LEU A 4 7.49 5.33 0.49
CA LEU A 4 6.98 4.31 -0.47
C LEU A 4 5.45 4.34 -0.48
N GLU A 5 4.87 5.47 -0.81
CA GLU A 5 3.38 5.60 -0.83
C GLU A 5 2.75 4.40 -1.55
N LYS A 6 3.35 3.95 -2.62
CA LYS A 6 2.80 2.78 -3.36
C LYS A 6 2.53 1.61 -2.43
N LEU A 7 3.49 1.26 -1.61
CA LEU A 7 3.29 0.12 -0.66
C LEU A 7 2.01 0.33 0.19
N MET A 8 1.49 1.53 0.22
CA MET A 8 0.25 1.77 1.02
C MET A 8 -0.97 1.33 0.19
N LYS A 9 -1.03 1.72 -1.06
CA LYS A 9 -2.17 1.26 -1.90
C LYS A 9 -2.02 -0.24 -2.08
N ALA A 10 -0.80 -0.68 -2.27
CA ALA A 10 -0.51 -2.14 -2.39
C ALA A 10 -1.11 -2.83 -1.22
N PHE A 11 -0.61 -2.44 -0.10
CA PHE A 11 -1.03 -3.02 1.15
C PHE A 11 -2.49 -2.86 1.37
N GLU A 12 -2.97 -1.66 1.40
CA GLU A 12 -4.41 -1.49 1.66
C GLU A 12 -5.20 -2.39 0.69
N SER A 13 -4.77 -2.43 -0.55
CA SER A 13 -5.43 -3.33 -1.55
C SER A 13 -5.28 -4.78 -1.08
N LEU A 14 -4.32 -5.03 -0.23
CA LEU A 14 -4.07 -6.39 0.32
C LEU A 14 -4.75 -6.48 1.68
N LYS A 15 -4.76 -5.40 2.41
CA LYS A 15 -5.48 -5.34 3.70
C LYS A 15 -6.91 -5.72 3.38
N SER A 16 -7.38 -5.12 2.33
CA SER A 16 -8.73 -5.37 1.79
C SER A 16 -9.18 -6.83 2.00
N PHE A 17 -8.38 -7.75 1.53
CA PHE A 17 -8.75 -9.18 1.67
C PHE A 17 -7.89 -9.88 2.74
N MET A 1 9.74 -2.75 0.92
CA MET A 1 10.38 -1.68 0.08
C MET A 1 9.32 -0.65 -0.32
N ALA A 2 9.67 0.61 -0.32
CA ALA A 2 8.67 1.66 -0.69
C ALA A 2 9.27 2.70 -1.62
N THR A 3 8.73 2.85 -2.80
CA THR A 3 9.24 3.88 -3.73
C THR A 3 8.84 5.26 -3.17
N LEU A 4 7.59 5.41 -2.87
CA LEU A 4 7.08 6.67 -2.27
C LEU A 4 5.93 6.33 -1.31
N GLU A 5 4.77 6.02 -1.84
CA GLU A 5 3.60 5.65 -0.96
C GLU A 5 2.92 4.36 -1.47
N LYS A 6 3.04 4.08 -2.75
CA LYS A 6 2.41 2.88 -3.38
C LYS A 6 2.32 1.67 -2.45
N LEU A 7 3.41 1.23 -1.90
CA LEU A 7 3.37 0.04 -1.00
C LEU A 7 2.20 0.15 0.00
N MET A 8 1.71 1.34 0.26
CA MET A 8 0.58 1.50 1.21
C MET A 8 -0.74 1.15 0.52
N LYS A 9 -1.06 1.80 -0.57
CA LYS A 9 -2.33 1.45 -1.27
C LYS A 9 -2.22 0.01 -1.76
N ALA A 10 -1.04 -0.39 -2.16
CA ALA A 10 -0.78 -1.80 -2.58
C ALA A 10 -1.23 -2.68 -1.45
N PHE A 11 -0.59 -2.45 -0.36
CA PHE A 11 -0.86 -3.20 0.83
C PHE A 11 -2.30 -3.06 1.23
N GLU A 12 -2.73 -1.86 1.43
CA GLU A 12 -4.12 -1.68 1.87
C GLU A 12 -5.03 -2.49 0.93
N SER A 13 -4.79 -2.40 -0.36
CA SER A 13 -5.58 -3.20 -1.35
C SER A 13 -5.46 -4.70 -1.03
N LEU A 14 -4.41 -5.06 -0.32
CA LEU A 14 -4.19 -6.48 0.10
C LEU A 14 -4.73 -6.63 1.51
N LYS A 15 -4.54 -5.62 2.32
CA LYS A 15 -5.11 -5.59 3.68
C LYS A 15 -6.60 -5.87 3.52
N SER A 16 -7.13 -5.21 2.54
CA SER A 16 -8.56 -5.34 2.16
C SER A 16 -9.09 -6.76 2.37
N PHE A 17 -8.49 -7.71 1.72
CA PHE A 17 -8.95 -9.12 1.83
C PHE A 17 -8.11 -9.89 2.86
N MET A 1 9.88 8.19 5.33
CA MET A 1 10.27 8.22 3.90
C MET A 1 9.02 8.28 3.02
N ALA A 2 9.19 8.58 1.75
CA ALA A 2 8.03 8.64 0.83
C ALA A 2 8.44 8.15 -0.57
N THR A 3 9.19 7.09 -0.64
CA THR A 3 9.63 6.56 -1.96
C THR A 3 8.68 5.44 -2.39
N LEU A 4 8.52 4.44 -1.57
CA LEU A 4 7.58 3.32 -1.93
C LEU A 4 6.17 3.60 -1.39
N GLU A 5 5.90 4.81 -0.96
CA GLU A 5 4.54 5.17 -0.41
C GLU A 5 3.41 4.48 -1.18
N LYS A 6 3.53 4.33 -2.47
CA LYS A 6 2.45 3.66 -3.26
C LYS A 6 2.14 2.28 -2.70
N LEU A 7 3.11 1.63 -2.12
CA LEU A 7 2.86 0.28 -1.55
C LEU A 7 1.71 0.35 -0.53
N MET A 8 1.34 1.53 -0.07
CA MET A 8 0.23 1.62 0.92
C MET A 8 -1.10 1.25 0.24
N LYS A 9 -1.35 1.73 -0.96
CA LYS A 9 -2.60 1.33 -1.65
C LYS A 9 -2.49 -0.16 -1.93
N ALA A 10 -1.34 -0.56 -2.37
CA ALA A 10 -1.07 -2.02 -2.63
C ALA A 10 -1.45 -2.79 -1.41
N PHE A 11 -0.70 -2.51 -0.39
CA PHE A 11 -0.87 -3.17 0.89
C PHE A 11 -2.27 -3.05 1.39
N GLU A 12 -2.76 -1.86 1.52
CA GLU A 12 -4.13 -1.74 2.06
C GLU A 12 -5.04 -2.61 1.18
N SER A 13 -4.82 -2.56 -0.12
CA SER A 13 -5.60 -3.42 -1.06
C SER A 13 -5.07 -4.87 -0.99
N LEU A 14 -4.27 -5.20 0.00
CA LEU A 14 -3.71 -6.58 0.15
C LEU A 14 -4.11 -7.01 1.54
N LYS A 15 -3.87 -6.15 2.49
CA LYS A 15 -4.31 -6.38 3.87
C LYS A 15 -5.79 -6.80 3.78
N SER A 16 -6.46 -6.24 2.80
CA SER A 16 -7.89 -6.54 2.51
C SER A 16 -8.14 -8.05 2.52
N PHE A 17 -7.66 -8.73 1.51
CA PHE A 17 -7.88 -10.20 1.42
C PHE A 17 -6.91 -10.97 2.33
N MET A 1 7.36 12.63 3.37
CA MET A 1 8.22 12.48 2.14
C MET A 1 7.53 11.61 1.08
N ALA A 2 6.70 10.65 1.49
CA ALA A 2 6.01 9.76 0.50
C ALA A 2 7.03 9.08 -0.40
N THR A 3 7.94 8.33 0.18
CA THR A 3 8.96 7.63 -0.61
C THR A 3 8.40 6.29 -1.09
N LEU A 4 7.88 5.50 -0.19
CA LEU A 4 7.29 4.19 -0.58
C LEU A 4 5.75 4.27 -0.54
N GLU A 5 5.19 5.44 -0.68
CA GLU A 5 3.70 5.60 -0.66
C GLU A 5 3.00 4.48 -1.46
N LYS A 6 3.61 4.00 -2.51
CA LYS A 6 2.97 2.91 -3.31
C LYS A 6 2.63 1.73 -2.42
N LEU A 7 3.44 1.46 -1.44
CA LEU A 7 3.15 0.32 -0.52
C LEU A 7 1.79 0.52 0.16
N MET A 8 1.26 1.72 0.14
CA MET A 8 -0.07 1.95 0.80
C MET A 8 -1.17 1.37 -0.10
N LYS A 9 -1.14 1.65 -1.38
CA LYS A 9 -2.17 1.06 -2.28
C LYS A 9 -1.92 -0.45 -2.31
N ALA A 10 -0.68 -0.83 -2.33
CA ALA A 10 -0.31 -2.28 -2.30
C ALA A 10 -0.98 -2.90 -1.13
N PHE A 11 -0.64 -2.35 0.00
CA PHE A 11 -1.14 -2.86 1.25
C PHE A 11 -2.62 -2.72 1.37
N GLU A 12 -3.11 -1.55 1.21
CA GLU A 12 -4.56 -1.39 1.36
C GLU A 12 -5.23 -2.40 0.44
N SER A 13 -4.65 -2.62 -0.72
CA SER A 13 -5.19 -3.64 -1.66
C SER A 13 -5.20 -5.01 -0.95
N LEU A 14 -4.31 -5.21 -0.01
CA LEU A 14 -4.31 -6.50 0.78
C LEU A 14 -5.36 -6.40 1.85
N LYS A 15 -5.46 -5.24 2.44
CA LYS A 15 -6.49 -4.97 3.45
C LYS A 15 -7.81 -5.41 2.82
N SER A 16 -7.96 -5.03 1.59
CA SER A 16 -9.16 -5.40 0.78
C SER A 16 -9.43 -6.91 0.90
N PHE A 17 -8.54 -7.71 0.38
CA PHE A 17 -8.73 -9.19 0.46
C PHE A 17 -8.06 -9.78 1.70
N MET A 1 8.46 -5.21 1.56
CA MET A 1 7.86 -4.06 0.82
C MET A 1 8.79 -2.85 0.90
N ALA A 2 9.46 -2.51 -0.17
CA ALA A 2 10.39 -1.34 -0.15
C ALA A 2 10.45 -0.65 -1.52
N THR A 3 9.31 -0.37 -2.09
CA THR A 3 9.32 0.31 -3.42
C THR A 3 9.39 1.83 -3.24
N LEU A 4 8.28 2.47 -2.89
CA LEU A 4 8.30 3.94 -2.69
C LEU A 4 7.34 4.33 -1.54
N GLU A 5 6.06 4.42 -1.81
CA GLU A 5 5.09 4.80 -0.74
C GLU A 5 3.68 4.33 -1.12
N LYS A 6 3.22 4.66 -2.31
CA LYS A 6 1.85 4.25 -2.76
C LYS A 6 1.63 2.76 -2.50
N LEU A 7 2.68 1.99 -2.53
CA LEU A 7 2.57 0.52 -2.26
C LEU A 7 1.71 0.28 -1.01
N MET A 8 1.59 1.26 -0.14
CA MET A 8 0.76 1.09 1.08
C MET A 8 -0.70 0.87 0.68
N LYS A 9 -1.27 1.77 -0.10
CA LYS A 9 -2.68 1.57 -0.54
C LYS A 9 -2.75 0.25 -1.30
N ALA A 10 -1.77 0.02 -2.13
CA ALA A 10 -1.70 -1.27 -2.87
C ALA A 10 -1.77 -2.40 -1.91
N PHE A 11 -0.80 -2.41 -1.06
CA PHE A 11 -0.66 -3.45 -0.08
C PHE A 11 -1.84 -3.52 0.83
N GLU A 12 -2.13 -2.45 1.50
CA GLU A 12 -3.26 -2.50 2.43
C GLU A 12 -4.48 -3.07 1.68
N SER A 13 -4.67 -2.64 0.45
CA SER A 13 -5.78 -3.19 -0.39
C SER A 13 -5.61 -4.73 -0.52
N LEU A 14 -4.41 -5.19 -0.35
CA LEU A 14 -4.09 -6.65 -0.41
C LEU A 14 -4.11 -7.20 1.01
N LYS A 15 -3.60 -6.45 1.94
CA LYS A 15 -3.64 -6.82 3.36
C LYS A 15 -5.10 -7.09 3.69
N SER A 16 -5.92 -6.23 3.14
CA SER A 16 -7.39 -6.29 3.28
C SER A 16 -7.91 -7.73 3.27
N PHE A 17 -7.65 -8.44 2.21
CA PHE A 17 -8.14 -9.84 2.09
C PHE A 17 -7.08 -10.83 2.57
N MET A 1 11.14 8.99 -4.72
CA MET A 1 10.63 7.66 -5.16
C MET A 1 9.29 7.39 -4.48
N ALA A 2 8.30 6.98 -5.24
CA ALA A 2 6.97 6.68 -4.62
C ALA A 2 6.98 5.25 -4.07
N THR A 3 7.59 5.05 -2.93
CA THR A 3 7.65 3.68 -2.35
C THR A 3 6.67 3.56 -1.18
N LEU A 4 6.79 4.41 -0.18
CA LEU A 4 5.85 4.36 0.98
C LEU A 4 4.41 4.49 0.48
N GLU A 5 4.16 5.49 -0.31
CA GLU A 5 2.78 5.70 -0.84
C GLU A 5 2.34 4.48 -1.69
N LYS A 6 3.24 3.87 -2.40
CA LYS A 6 2.84 2.70 -3.24
C LYS A 6 2.70 1.46 -2.37
N LEU A 7 3.67 1.19 -1.51
CA LEU A 7 3.56 0.01 -0.62
C LEU A 7 2.26 0.14 0.21
N MET A 8 1.72 1.34 0.31
CA MET A 8 0.46 1.54 1.09
C MET A 8 -0.72 1.14 0.22
N LYS A 9 -0.85 1.72 -0.96
CA LYS A 9 -1.97 1.33 -1.85
C LYS A 9 -1.86 -0.16 -2.13
N ALA A 10 -0.66 -0.62 -2.35
CA ALA A 10 -0.43 -2.08 -2.58
C ALA A 10 -1.04 -2.83 -1.44
N PHE A 11 -0.60 -2.45 -0.30
CA PHE A 11 -1.01 -3.09 0.92
C PHE A 11 -2.45 -2.85 1.24
N GLU A 12 -2.83 -1.64 1.32
CA GLU A 12 -4.23 -1.37 1.67
C GLU A 12 -5.10 -2.18 0.70
N SER A 13 -4.63 -2.33 -0.50
CA SER A 13 -5.37 -3.16 -1.49
C SER A 13 -5.49 -4.59 -0.94
N LEU A 14 -4.48 -5.06 -0.25
CA LEU A 14 -4.55 -6.42 0.40
C LEU A 14 -5.51 -6.33 1.54
N LYS A 15 -5.45 -5.25 2.24
CA LYS A 15 -6.38 -5.00 3.34
C LYS A 15 -7.77 -5.15 2.71
N SER A 16 -7.89 -4.59 1.55
CA SER A 16 -9.15 -4.66 0.75
C SER A 16 -9.49 -6.10 0.32
N PHE A 17 -8.79 -6.64 -0.65
CA PHE A 17 -9.11 -8.02 -1.14
C PHE A 17 -8.45 -9.12 -0.30
N MET A 1 0.59 5.83 8.73
CA MET A 1 1.27 6.17 7.44
C MET A 1 2.38 5.14 7.15
N ALA A 2 2.70 4.93 5.90
CA ALA A 2 3.77 3.96 5.55
C ALA A 2 5.11 4.70 5.39
N THR A 3 6.09 4.08 4.82
CA THR A 3 7.40 4.77 4.65
C THR A 3 7.32 5.69 3.43
N LEU A 4 6.99 5.16 2.28
CA LEU A 4 6.88 6.01 1.08
C LEU A 4 5.40 6.18 0.71
N GLU A 5 4.94 5.58 -0.36
CA GLU A 5 3.50 5.74 -0.74
C GLU A 5 2.93 4.49 -1.42
N LYS A 6 3.50 4.09 -2.52
CA LYS A 6 2.96 2.89 -3.27
C LYS A 6 2.69 1.70 -2.35
N LEU A 7 3.56 1.42 -1.42
CA LEU A 7 3.32 0.26 -0.51
C LEU A 7 1.95 0.38 0.18
N MET A 8 1.37 1.56 0.20
CA MET A 8 0.04 1.73 0.86
C MET A 8 -1.04 1.19 -0.05
N LYS A 9 -1.12 1.66 -1.27
CA LYS A 9 -2.16 1.12 -2.20
C LYS A 9 -1.93 -0.37 -2.33
N ALA A 10 -0.68 -0.77 -2.36
CA ALA A 10 -0.34 -2.22 -2.41
C ALA A 10 -0.99 -2.89 -1.26
N PHE A 11 -0.61 -2.44 -0.12
CA PHE A 11 -1.08 -3.02 1.11
C PHE A 11 -2.55 -2.82 1.34
N GLU A 12 -2.99 -1.61 1.34
CA GLU A 12 -4.42 -1.42 1.60
C GLU A 12 -5.19 -2.30 0.61
N SER A 13 -4.64 -2.49 -0.56
CA SER A 13 -5.29 -3.41 -1.54
C SER A 13 -5.39 -4.82 -0.91
N LEU A 14 -4.40 -5.21 -0.13
CA LEU A 14 -4.45 -6.54 0.55
C LEU A 14 -5.51 -6.47 1.61
N LYS A 15 -5.57 -5.35 2.25
CA LYS A 15 -6.60 -5.07 3.25
C LYS A 15 -7.93 -5.23 2.51
N SER A 16 -7.98 -4.64 1.35
CA SER A 16 -9.16 -4.72 0.45
C SER A 16 -9.54 -6.18 0.16
N PHE A 17 -8.71 -6.88 -0.57
CA PHE A 17 -9.03 -8.30 -0.89
C PHE A 17 -8.44 -9.25 0.17
N MET A 1 15.56 5.32 1.59
CA MET A 1 14.46 5.86 2.43
C MET A 1 13.30 4.88 2.45
N ALA A 2 12.77 4.59 3.62
CA ALA A 2 11.61 3.65 3.70
C ALA A 2 10.33 4.41 3.36
N THR A 3 10.28 4.98 2.19
CA THR A 3 9.08 5.75 1.79
C THR A 3 8.10 4.84 1.06
N LEU A 4 8.43 4.41 -0.15
CA LEU A 4 7.55 3.50 -0.93
C LEU A 4 6.07 3.85 -0.72
N GLU A 5 5.70 5.09 -0.93
CA GLU A 5 4.28 5.52 -0.74
C GLU A 5 3.32 4.57 -1.47
N LYS A 6 3.75 3.97 -2.56
CA LYS A 6 2.86 3.04 -3.31
C LYS A 6 2.43 1.88 -2.43
N LEU A 7 3.29 1.45 -1.52
CA LEU A 7 2.92 0.32 -0.61
C LEU A 7 1.55 0.60 0.06
N MET A 8 1.12 1.84 0.11
CA MET A 8 -0.19 2.14 0.76
C MET A 8 -1.32 1.52 -0.07
N LYS A 9 -1.28 1.63 -1.37
CA LYS A 9 -2.32 1.01 -2.21
C LYS A 9 -2.06 -0.48 -2.20
N ALA A 10 -0.81 -0.84 -2.34
CA ALA A 10 -0.41 -2.28 -2.27
C ALA A 10 -1.09 -2.88 -1.08
N PHE A 11 -0.75 -2.31 0.02
CA PHE A 11 -1.24 -2.76 1.31
C PHE A 11 -2.72 -2.70 1.43
N GLU A 12 -3.27 -1.55 1.29
CA GLU A 12 -4.72 -1.48 1.46
C GLU A 12 -5.35 -2.50 0.53
N SER A 13 -4.76 -2.70 -0.62
CA SER A 13 -5.27 -3.75 -1.54
C SER A 13 -5.09 -5.13 -0.87
N LEU A 14 -4.04 -5.30 -0.10
CA LEU A 14 -3.81 -6.61 0.62
C LEU A 14 -4.86 -6.71 1.70
N LYS A 15 -5.16 -5.60 2.29
CA LYS A 15 -6.21 -5.54 3.31
C LYS A 15 -7.44 -6.19 2.68
N SER A 16 -7.64 -5.85 1.44
CA SER A 16 -8.77 -6.40 0.63
C SER A 16 -8.68 -7.93 0.48
N PHE A 17 -7.78 -8.42 -0.35
CA PHE A 17 -7.68 -9.89 -0.59
C PHE A 17 -6.89 -10.62 0.51
N MET A 1 10.70 11.40 -2.85
CA MET A 1 9.45 11.73 -2.08
C MET A 1 8.30 10.85 -2.56
N ALA A 2 7.98 10.90 -3.84
CA ALA A 2 6.86 10.07 -4.36
C ALA A 2 7.37 8.66 -4.67
N THR A 3 7.38 7.79 -3.69
CA THR A 3 7.87 6.39 -3.92
C THR A 3 7.25 5.39 -2.93
N LEU A 4 7.57 5.51 -1.66
CA LEU A 4 7.03 4.54 -0.64
C LEU A 4 5.50 4.52 -0.57
N GLU A 5 4.84 5.61 -0.86
CA GLU A 5 3.33 5.61 -0.80
C GLU A 5 2.74 4.45 -1.61
N LYS A 6 3.48 3.88 -2.53
CA LYS A 6 2.95 2.75 -3.34
C LYS A 6 2.62 1.56 -2.44
N LEU A 7 3.51 1.18 -1.58
CA LEU A 7 3.24 0.04 -0.67
C LEU A 7 1.96 0.32 0.14
N MET A 8 1.50 1.55 0.17
CA MET A 8 0.26 1.84 0.95
C MET A 8 -0.95 1.35 0.14
N LYS A 9 -1.07 1.74 -1.11
CA LYS A 9 -2.21 1.24 -1.91
C LYS A 9 -2.04 -0.25 -2.10
N ALA A 10 -0.81 -0.68 -2.25
CA ALA A 10 -0.51 -2.13 -2.36
C ALA A 10 -1.12 -2.81 -1.17
N PHE A 11 -0.65 -2.36 -0.06
CA PHE A 11 -1.07 -2.91 1.20
C PHE A 11 -2.55 -2.77 1.39
N GLU A 12 -3.04 -1.59 1.31
CA GLU A 12 -4.49 -1.42 1.53
C GLU A 12 -5.23 -2.40 0.61
N SER A 13 -4.80 -2.49 -0.63
CA SER A 13 -5.40 -3.47 -1.58
C SER A 13 -5.21 -4.89 -1.04
N LEU A 14 -4.24 -5.07 -0.18
CA LEU A 14 -3.99 -6.38 0.45
C LEU A 14 -4.77 -6.44 1.76
N LYS A 15 -4.83 -5.34 2.44
CA LYS A 15 -5.63 -5.23 3.68
C LYS A 15 -7.03 -5.74 3.32
N SER A 16 -7.45 -5.30 2.17
CA SER A 16 -8.77 -5.69 1.60
C SER A 16 -9.08 -7.17 1.88
N PHE A 17 -8.22 -8.05 1.44
CA PHE A 17 -8.47 -9.50 1.66
C PHE A 17 -7.67 -10.00 2.87
N MET A 1 5.94 14.57 -0.94
CA MET A 1 6.92 14.13 -1.96
C MET A 1 6.76 12.63 -2.22
N ALA A 2 6.91 12.20 -3.45
CA ALA A 2 6.76 10.75 -3.75
C ALA A 2 7.89 9.96 -3.08
N THR A 3 7.56 9.07 -2.18
CA THR A 3 8.60 8.28 -1.49
C THR A 3 8.17 6.81 -1.33
N LEU A 4 7.21 6.53 -0.47
CA LEU A 4 6.78 5.11 -0.28
C LEU A 4 5.25 4.98 -0.26
N GLU A 5 4.52 5.89 -0.85
CA GLU A 5 3.03 5.75 -0.86
C GLU A 5 2.63 4.47 -1.61
N LYS A 6 3.53 3.93 -2.39
CA LYS A 6 3.23 2.68 -3.15
C LYS A 6 2.83 1.56 -2.21
N LEU A 7 3.62 1.33 -1.20
CA LEU A 7 3.28 0.25 -0.22
C LEU A 7 1.88 0.51 0.36
N MET A 8 1.35 1.70 0.23
CA MET A 8 -0.01 1.97 0.77
C MET A 8 -1.05 1.36 -0.17
N LYS A 9 -0.92 1.57 -1.45
CA LYS A 9 -1.87 0.94 -2.40
C LYS A 9 -1.65 -0.56 -2.32
N ALA A 10 -0.41 -0.96 -2.34
CA ALA A 10 -0.08 -2.40 -2.20
C ALA A 10 -0.84 -2.97 -1.05
N PHE A 11 -0.63 -2.34 0.05
CA PHE A 11 -1.21 -2.75 1.29
C PHE A 11 -2.70 -2.61 1.31
N GLU A 12 -3.18 -1.44 1.10
CA GLU A 12 -4.64 -1.30 1.16
C GLU A 12 -5.25 -2.33 0.21
N SER A 13 -4.58 -2.59 -0.90
CA SER A 13 -5.06 -3.63 -1.83
C SER A 13 -5.18 -4.98 -1.07
N LEU A 14 -4.47 -5.11 0.04
CA LEU A 14 -4.57 -6.34 0.89
C LEU A 14 -5.71 -6.15 1.86
N LYS A 15 -5.78 -4.96 2.41
CA LYS A 15 -6.88 -4.59 3.31
C LYS A 15 -8.15 -5.04 2.61
N SER A 16 -8.19 -4.78 1.34
CA SER A 16 -9.32 -5.20 0.47
C SER A 16 -9.71 -6.65 0.79
N PHE A 17 -8.79 -7.55 0.60
CA PHE A 17 -9.07 -8.98 0.89
C PHE A 17 -8.50 -9.36 2.26
N MET A 1 5.07 14.45 1.55
CA MET A 1 5.81 13.66 2.58
C MET A 1 5.73 12.15 2.28
N ALA A 2 4.93 11.74 1.31
CA ALA A 2 4.81 10.28 1.00
C ALA A 2 5.97 9.82 0.11
N THR A 3 6.85 9.02 0.63
CA THR A 3 8.00 8.51 -0.18
C THR A 3 7.66 7.11 -0.72
N LEU A 4 7.17 6.25 0.13
CA LEU A 4 6.80 4.87 -0.33
C LEU A 4 5.28 4.70 -0.28
N GLU A 5 4.55 5.69 -0.77
CA GLU A 5 3.06 5.60 -0.76
C GLU A 5 2.56 4.42 -1.61
N LYS A 6 3.38 3.92 -2.51
CA LYS A 6 2.93 2.77 -3.35
C LYS A 6 2.69 1.55 -2.47
N LEU A 7 3.59 1.24 -1.58
CA LEU A 7 3.38 0.07 -0.69
C LEU A 7 2.09 0.28 0.13
N MET A 8 1.59 1.50 0.19
CA MET A 8 0.32 1.74 0.96
C MET A 8 -0.85 1.26 0.13
N LYS A 9 -1.00 1.73 -1.09
CA LYS A 9 -2.13 1.23 -1.92
C LYS A 9 -1.96 -0.27 -2.07
N ALA A 10 -0.73 -0.69 -2.25
CA ALA A 10 -0.43 -2.15 -2.33
C ALA A 10 -1.05 -2.84 -1.17
N PHE A 11 -0.61 -2.41 -0.03
CA PHE A 11 -1.07 -2.98 1.22
C PHE A 11 -2.55 -2.83 1.38
N GLU A 12 -3.01 -1.62 1.38
CA GLU A 12 -4.45 -1.44 1.60
C GLU A 12 -5.21 -2.36 0.63
N SER A 13 -4.75 -2.40 -0.61
CA SER A 13 -5.37 -3.32 -1.62
C SER A 13 -5.26 -4.77 -1.13
N LEU A 14 -4.33 -5.02 -0.24
CA LEU A 14 -4.15 -6.37 0.35
C LEU A 14 -4.94 -6.42 1.65
N LYS A 15 -4.88 -5.36 2.42
CA LYS A 15 -5.70 -5.25 3.65
C LYS A 15 -7.11 -5.66 3.24
N SER A 16 -7.50 -5.11 2.13
CA SER A 16 -8.81 -5.38 1.49
C SER A 16 -9.24 -6.84 1.69
N PHE A 17 -8.48 -7.76 1.15
CA PHE A 17 -8.84 -9.20 1.28
C PHE A 17 -8.15 -9.84 2.49
N MET A 1 2.02 7.58 8.44
CA MET A 1 3.31 7.99 7.82
C MET A 1 3.44 7.36 6.43
N ALA A 2 3.69 8.15 5.42
CA ALA A 2 3.83 7.58 4.05
C ALA A 2 5.31 7.55 3.64
N THR A 3 6.05 6.57 4.08
CA THR A 3 7.48 6.47 3.70
C THR A 3 7.56 5.93 2.28
N LEU A 4 6.76 4.95 1.98
CA LEU A 4 6.74 4.37 0.62
C LEU A 4 5.28 4.40 0.11
N GLU A 5 4.81 5.56 -0.27
CA GLU A 5 3.39 5.71 -0.75
C GLU A 5 2.90 4.48 -1.52
N LYS A 6 3.69 3.97 -2.44
CA LYS A 6 3.25 2.77 -3.23
C LYS A 6 2.85 1.61 -2.31
N LEU A 7 3.55 1.44 -1.22
CA LEU A 7 3.19 0.34 -0.28
C LEU A 7 1.77 0.59 0.30
N MET A 8 1.22 1.77 0.13
CA MET A 8 -0.15 2.01 0.67
C MET A 8 -1.15 1.36 -0.28
N LYS A 9 -1.02 1.58 -1.56
CA LYS A 9 -1.95 0.91 -2.52
C LYS A 9 -1.71 -0.59 -2.39
N ALA A 10 -0.47 -0.97 -2.25
CA ALA A 10 -0.12 -2.40 -2.06
C ALA A 10 -0.92 -2.94 -0.92
N PHE A 11 -0.70 -2.31 0.19
CA PHE A 11 -1.33 -2.73 1.41
C PHE A 11 -2.80 -2.58 1.38
N GLU A 12 -3.28 -1.42 1.13
CA GLU A 12 -4.73 -1.27 1.14
C GLU A 12 -5.31 -2.33 0.20
N SER A 13 -4.59 -2.64 -0.86
CA SER A 13 -5.03 -3.72 -1.80
C SER A 13 -4.95 -5.10 -1.10
N LEU A 14 -4.47 -5.17 0.13
CA LEU A 14 -4.43 -6.48 0.86
C LEU A 14 -5.72 -6.56 1.61
N LYS A 15 -6.00 -5.51 2.33
CA LYS A 15 -7.26 -5.37 3.04
C LYS A 15 -8.37 -5.86 2.11
N SER A 16 -8.18 -5.61 0.84
CA SER A 16 -9.14 -6.08 -0.22
C SER A 16 -9.39 -7.58 -0.10
N PHE A 17 -8.35 -8.38 -0.17
CA PHE A 17 -8.51 -9.86 -0.09
C PHE A 17 -8.15 -10.39 1.31
N MET A 1 10.65 12.86 -0.67
CA MET A 1 10.47 12.36 0.72
C MET A 1 9.11 11.67 0.87
N ALA A 2 9.11 10.39 1.09
CA ALA A 2 7.82 9.64 1.23
C ALA A 2 8.04 8.42 2.12
N THR A 3 6.99 7.86 2.63
CA THR A 3 7.14 6.66 3.50
C THR A 3 6.65 5.42 2.75
N LEU A 4 5.36 5.26 2.63
CA LEU A 4 4.79 4.08 1.91
C LEU A 4 3.96 4.59 0.72
N GLU A 5 4.46 5.58 0.02
CA GLU A 5 3.72 6.19 -1.15
C GLU A 5 3.00 5.15 -2.01
N LYS A 6 3.57 3.99 -2.23
CA LYS A 6 2.89 2.99 -3.10
C LYS A 6 2.58 1.70 -2.35
N LEU A 7 3.54 1.10 -1.71
CA LEU A 7 3.27 -0.16 -0.98
C LEU A 7 2.06 0.00 -0.02
N MET A 8 1.66 1.23 0.27
CA MET A 8 0.49 1.40 1.19
C MET A 8 -0.81 1.11 0.44
N LYS A 9 -0.97 1.64 -0.76
CA LYS A 9 -2.21 1.34 -1.52
C LYS A 9 -2.15 -0.13 -1.90
N ALA A 10 -0.97 -0.62 -2.21
CA ALA A 10 -0.79 -2.06 -2.52
C ALA A 10 -1.33 -2.84 -1.38
N PHE A 11 -0.68 -2.62 -0.28
CA PHE A 11 -1.03 -3.31 0.93
C PHE A 11 -2.46 -3.10 1.30
N GLU A 12 -2.86 -1.88 1.47
CA GLU A 12 -4.25 -1.65 1.89
C GLU A 12 -5.17 -2.43 0.93
N SER A 13 -4.89 -2.36 -0.36
CA SER A 13 -5.69 -3.14 -1.36
C SER A 13 -5.58 -4.64 -1.04
N LEU A 14 -4.54 -5.02 -0.33
CA LEU A 14 -4.32 -6.43 0.08
C LEU A 14 -4.92 -6.61 1.47
N LYS A 15 -4.80 -5.60 2.30
CA LYS A 15 -5.42 -5.61 3.63
C LYS A 15 -6.88 -5.96 3.41
N SER A 16 -7.42 -5.32 2.42
CA SER A 16 -8.84 -5.54 2.00
C SER A 16 -9.24 -7.01 2.12
N PHE A 17 -8.53 -7.87 1.46
CA PHE A 17 -8.85 -9.31 1.51
C PHE A 17 -7.88 -10.05 2.47
N MET A 1 9.05 11.32 -6.63
CA MET A 1 9.37 9.89 -6.31
C MET A 1 8.11 9.18 -5.82
N ALA A 2 8.12 7.88 -5.79
CA ALA A 2 6.92 7.13 -5.30
C ALA A 2 7.28 5.66 -5.04
N THR A 3 7.74 5.35 -3.86
CA THR A 3 8.10 3.95 -3.53
C THR A 3 7.27 3.47 -2.33
N LEU A 4 7.54 4.00 -1.15
CA LEU A 4 6.75 3.59 0.04
C LEU A 4 5.30 4.06 -0.08
N GLU A 5 5.08 5.23 -0.61
CA GLU A 5 3.67 5.72 -0.77
C GLU A 5 2.89 4.75 -1.66
N LYS A 6 3.59 3.94 -2.43
CA LYS A 6 2.88 2.96 -3.31
C LYS A 6 2.59 1.69 -2.52
N LEU A 7 3.45 1.33 -1.61
CA LEU A 7 3.21 0.12 -0.78
C LEU A 7 1.91 0.31 0.03
N MET A 8 1.44 1.54 0.15
CA MET A 8 0.18 1.79 0.91
C MET A 8 -1.00 1.27 0.09
N LYS A 9 -1.10 1.69 -1.15
CA LYS A 9 -2.20 1.20 -2.01
C LYS A 9 -2.06 -0.32 -2.12
N ALA A 10 -0.83 -0.76 -2.24
CA ALA A 10 -0.55 -2.24 -2.30
C ALA A 10 -1.18 -2.87 -1.10
N PHE A 11 -0.67 -2.46 0.01
CA PHE A 11 -1.12 -2.99 1.28
C PHE A 11 -2.59 -2.86 1.46
N GLU A 12 -3.10 -1.67 1.44
CA GLU A 12 -4.55 -1.54 1.66
C GLU A 12 -5.29 -2.46 0.67
N SER A 13 -4.83 -2.48 -0.56
CA SER A 13 -5.44 -3.41 -1.57
C SER A 13 -5.22 -4.87 -1.10
N LEU A 14 -4.29 -5.07 -0.22
CA LEU A 14 -4.00 -6.43 0.34
C LEU A 14 -4.78 -6.56 1.65
N LYS A 15 -4.88 -5.49 2.38
CA LYS A 15 -5.70 -5.46 3.60
C LYS A 15 -7.10 -5.87 3.18
N SER A 16 -7.49 -5.31 2.07
CA SER A 16 -8.80 -5.60 1.42
C SER A 16 -9.23 -7.06 1.64
N PHE A 17 -8.43 -7.98 1.16
CA PHE A 17 -8.77 -9.42 1.29
C PHE A 17 -8.10 -10.04 2.52
N MET A 1 6.94 8.54 7.61
CA MET A 1 6.25 7.55 6.74
C MET A 1 7.06 7.34 5.46
N ALA A 2 6.73 6.33 4.69
CA ALA A 2 7.47 6.08 3.42
C ALA A 2 7.22 7.23 2.44
N THR A 3 8.25 7.72 1.81
CA THR A 3 8.08 8.84 0.85
C THR A 3 7.50 8.30 -0.46
N LEU A 4 7.70 7.05 -0.75
CA LEU A 4 7.17 6.48 -2.02
C LEU A 4 5.64 6.25 -1.94
N GLU A 5 5.11 6.08 -0.74
CA GLU A 5 3.63 5.87 -0.54
C GLU A 5 3.15 4.56 -1.18
N LYS A 6 3.52 4.33 -2.42
CA LYS A 6 3.10 3.12 -3.19
C LYS A 6 2.74 1.92 -2.31
N LEU A 7 3.58 1.57 -1.37
CA LEU A 7 3.24 0.39 -0.50
C LEU A 7 1.82 0.51 0.08
N MET A 8 1.23 1.68 0.05
CA MET A 8 -0.15 1.82 0.60
C MET A 8 -1.15 1.19 -0.37
N LYS A 9 -1.05 1.43 -1.65
CA LYS A 9 -1.99 0.78 -2.61
C LYS A 9 -1.74 -0.71 -2.52
N ALA A 10 -0.49 -1.08 -2.37
CA ALA A 10 -0.10 -2.51 -2.20
C ALA A 10 -0.87 -3.07 -1.05
N PHE A 11 -0.64 -2.44 0.05
CA PHE A 11 -1.25 -2.86 1.30
C PHE A 11 -2.72 -2.68 1.34
N GLU A 12 -3.17 -1.48 1.13
CA GLU A 12 -4.62 -1.27 1.22
C GLU A 12 -5.29 -2.31 0.33
N SER A 13 -4.65 -2.65 -0.76
CA SER A 13 -5.18 -3.72 -1.64
C SER A 13 -5.36 -5.01 -0.82
N LEU A 14 -4.48 -5.26 0.12
CA LEU A 14 -4.60 -6.45 1.02
C LEU A 14 -5.75 -6.21 1.95
N LYS A 15 -5.85 -5.01 2.41
CA LYS A 15 -6.97 -4.60 3.27
C LYS A 15 -8.22 -4.93 2.48
N SER A 16 -8.18 -4.56 1.23
CA SER A 16 -9.30 -4.84 0.28
C SER A 16 -9.55 -6.35 0.17
N PHE A 17 -8.67 -7.09 -0.45
CA PHE A 17 -8.89 -8.57 -0.58
C PHE A 17 -8.35 -9.33 0.64
N MET A 1 14.45 5.49 0.37
CA MET A 1 13.86 5.96 1.66
C MET A 1 12.33 5.80 1.62
N ALA A 2 11.60 6.63 2.31
CA ALA A 2 10.10 6.51 2.30
C ALA A 2 9.55 6.99 0.96
N THR A 3 10.00 6.41 -0.13
CA THR A 3 9.53 6.83 -1.47
C THR A 3 8.50 5.83 -2.03
N LEU A 4 8.47 4.63 -1.50
CA LEU A 4 7.49 3.61 -2.01
C LEU A 4 6.11 3.83 -1.37
N GLU A 5 5.62 5.05 -1.37
CA GLU A 5 4.28 5.33 -0.76
C GLU A 5 3.19 4.47 -1.41
N LYS A 6 3.34 4.16 -2.67
CA LYS A 6 2.30 3.32 -3.37
C LYS A 6 2.10 2.00 -2.64
N LEU A 7 3.15 1.47 -2.06
CA LEU A 7 3.02 0.19 -1.31
C LEU A 7 1.90 0.28 -0.27
N MET A 8 1.50 1.47 0.10
CA MET A 8 0.40 1.61 1.11
C MET A 8 -0.93 1.21 0.45
N LYS A 9 -1.28 1.81 -0.66
CA LYS A 9 -2.55 1.42 -1.34
C LYS A 9 -2.40 -0.04 -1.76
N ALA A 10 -1.21 -0.42 -2.16
CA ALA A 10 -0.94 -1.84 -2.51
C ALA A 10 -1.35 -2.68 -1.34
N PHE A 11 -0.66 -2.42 -0.28
CA PHE A 11 -0.89 -3.13 0.96
C PHE A 11 -2.33 -3.06 1.36
N GLU A 12 -2.85 -1.89 1.51
CA GLU A 12 -4.26 -1.78 1.92
C GLU A 12 -5.10 -2.68 0.99
N SER A 13 -4.88 -2.56 -0.30
CA SER A 13 -5.59 -3.44 -1.28
C SER A 13 -5.23 -4.92 -1.02
N LEU A 14 -4.15 -5.13 -0.32
CA LEU A 14 -3.68 -6.51 0.03
C LEU A 14 -4.21 -6.85 1.42
N LYS A 15 -4.28 -5.87 2.27
CA LYS A 15 -4.86 -6.03 3.62
C LYS A 15 -6.26 -6.58 3.38
N SER A 16 -6.91 -5.97 2.42
CA SER A 16 -8.27 -6.36 1.98
C SER A 16 -8.48 -7.87 2.04
N PHE A 17 -7.67 -8.61 1.33
CA PHE A 17 -7.82 -10.09 1.30
C PHE A 17 -6.79 -10.76 2.22
N MET A 1 8.48 11.38 5.65
CA MET A 1 9.21 10.92 4.44
C MET A 1 8.33 9.98 3.62
N ALA A 2 8.11 10.30 2.36
CA ALA A 2 7.24 9.42 1.51
C ALA A 2 7.91 9.19 0.15
N THR A 3 8.83 8.27 0.07
CA THR A 3 9.51 7.99 -1.22
C THR A 3 8.62 7.09 -2.07
N LEU A 4 8.29 5.93 -1.57
CA LEU A 4 7.40 5.01 -2.34
C LEU A 4 6.18 4.62 -1.51
N GLU A 5 5.42 5.58 -1.06
CA GLU A 5 4.19 5.26 -0.24
C GLU A 5 3.19 4.44 -1.08
N LYS A 6 3.35 4.43 -2.38
CA LYS A 6 2.42 3.66 -3.26
C LYS A 6 2.21 2.24 -2.72
N LEU A 7 3.23 1.65 -2.16
CA LEU A 7 3.09 0.27 -1.61
C LEU A 7 1.94 0.22 -0.58
N MET A 8 1.49 1.37 -0.11
CA MET A 8 0.38 1.38 0.89
C MET A 8 -0.93 1.06 0.20
N LYS A 9 -1.26 1.73 -0.89
CA LYS A 9 -2.53 1.41 -1.60
C LYS A 9 -2.47 -0.06 -2.00
N ALA A 10 -1.31 -0.47 -2.42
CA ALA A 10 -1.09 -1.90 -2.77
C ALA A 10 -1.42 -2.75 -1.58
N PHE A 11 -0.62 -2.56 -0.58
CA PHE A 11 -0.75 -3.31 0.65
C PHE A 11 -2.13 -3.17 1.23
N GLU A 12 -2.54 -1.99 1.52
CA GLU A 12 -3.86 -1.84 2.14
C GLU A 12 -4.90 -2.60 1.28
N SER A 13 -4.79 -2.47 -0.02
CA SER A 13 -5.71 -3.23 -0.92
C SER A 13 -5.49 -4.76 -0.69
N LEU A 14 -4.38 -5.11 -0.12
CA LEU A 14 -4.04 -6.53 0.17
C LEU A 14 -4.39 -6.80 1.64
N LYS A 15 -4.19 -5.82 2.47
CA LYS A 15 -4.58 -5.93 3.89
C LYS A 15 -6.06 -6.27 3.89
N SER A 16 -6.74 -5.60 3.01
CA SER A 16 -8.20 -5.80 2.79
C SER A 16 -8.61 -7.27 2.93
N PHE A 17 -8.23 -8.07 1.97
CA PHE A 17 -8.58 -9.51 2.00
C PHE A 17 -7.62 -10.30 2.90
N MET A 1 10.99 -1.80 -0.40
CA MET A 1 10.35 -2.16 -1.69
C MET A 1 9.53 -0.98 -2.20
N ALA A 2 9.50 -0.76 -3.49
CA ALA A 2 8.72 0.39 -4.06
C ALA A 2 9.20 1.70 -3.41
N THR A 3 8.41 2.74 -3.48
CA THR A 3 8.82 4.03 -2.86
C THR A 3 8.26 4.12 -1.43
N LEU A 4 7.12 4.76 -1.25
CA LEU A 4 6.53 4.87 0.11
C LEU A 4 5.01 4.76 0.01
N GLU A 5 4.39 5.63 -0.73
CA GLU A 5 2.90 5.58 -0.86
C GLU A 5 2.49 4.32 -1.65
N LYS A 6 3.33 3.84 -2.52
CA LYS A 6 2.96 2.64 -3.33
C LYS A 6 2.73 1.43 -2.43
N LEU A 7 3.59 1.20 -1.48
CA LEU A 7 3.38 0.05 -0.57
C LEU A 7 2.09 0.28 0.23
N MET A 8 1.58 1.49 0.24
CA MET A 8 0.33 1.77 1.00
C MET A 8 -0.86 1.32 0.16
N LYS A 9 -0.93 1.73 -1.08
CA LYS A 9 -2.05 1.27 -1.95
C LYS A 9 -1.92 -0.23 -2.09
N ALA A 10 -0.71 -0.70 -2.26
CA ALA A 10 -0.46 -2.17 -2.33
C ALA A 10 -1.10 -2.82 -1.16
N PHE A 11 -0.61 -2.42 -0.03
CA PHE A 11 -1.07 -2.98 1.23
C PHE A 11 -2.53 -2.80 1.41
N GLU A 12 -3.00 -1.60 1.42
CA GLU A 12 -4.45 -1.43 1.65
C GLU A 12 -5.21 -2.30 0.63
N SER A 13 -4.74 -2.36 -0.60
CA SER A 13 -5.38 -3.24 -1.63
C SER A 13 -5.23 -4.70 -1.19
N LEU A 14 -4.31 -4.96 -0.30
CA LEU A 14 -4.08 -6.33 0.25
C LEU A 14 -4.87 -6.45 1.54
N LYS A 15 -4.92 -5.38 2.29
CA LYS A 15 -5.74 -5.34 3.52
C LYS A 15 -7.14 -5.76 3.08
N SER A 16 -7.52 -5.20 1.98
CA SER A 16 -8.83 -5.49 1.33
C SER A 16 -9.25 -6.96 1.53
N PHE A 17 -8.38 -7.86 1.20
CA PHE A 17 -8.70 -9.30 1.34
C PHE A 17 -7.94 -9.95 2.50
N MET A 1 0.59 11.84 5.76
CA MET A 1 2.02 11.42 5.76
C MET A 1 2.18 10.11 4.97
N ALA A 2 2.99 10.12 3.96
CA ALA A 2 3.18 8.87 3.15
C ALA A 2 4.63 8.77 2.68
N THR A 3 5.33 7.76 3.11
CA THR A 3 6.74 7.58 2.68
C THR A 3 6.75 6.74 1.40
N LEU A 4 6.41 5.49 1.50
CA LEU A 4 6.34 4.63 0.28
C LEU A 4 4.87 4.49 -0.11
N GLU A 5 4.25 5.60 -0.45
CA GLU A 5 2.80 5.62 -0.82
C GLU A 5 2.36 4.38 -1.62
N LYS A 6 3.15 3.90 -2.54
CA LYS A 6 2.73 2.70 -3.33
C LYS A 6 2.66 1.48 -2.43
N LEU A 7 3.63 1.27 -1.59
CA LEU A 7 3.57 0.09 -0.67
C LEU A 7 2.29 0.21 0.19
N MET A 8 1.74 1.40 0.30
CA MET A 8 0.49 1.56 1.10
C MET A 8 -0.71 1.15 0.26
N LYS A 9 -0.88 1.74 -0.90
CA LYS A 9 -2.02 1.31 -1.76
C LYS A 9 -1.88 -0.18 -2.01
N ALA A 10 -0.69 -0.60 -2.33
CA ALA A 10 -0.42 -2.05 -2.53
C ALA A 10 -1.02 -2.81 -1.40
N PHE A 11 -0.54 -2.48 -0.26
CA PHE A 11 -0.96 -3.16 0.95
C PHE A 11 -2.39 -2.92 1.26
N GLU A 12 -2.77 -1.70 1.37
CA GLU A 12 -4.16 -1.44 1.71
C GLU A 12 -5.04 -2.21 0.72
N SER A 13 -4.59 -2.30 -0.51
CA SER A 13 -5.35 -3.09 -1.51
C SER A 13 -5.48 -4.53 -0.98
N LEU A 14 -4.48 -5.02 -0.29
CA LEU A 14 -4.57 -6.40 0.31
C LEU A 14 -5.56 -6.33 1.45
N LYS A 15 -5.46 -5.28 2.19
CA LYS A 15 -6.40 -5.01 3.27
C LYS A 15 -7.79 -5.05 2.64
N SER A 16 -7.87 -4.42 1.50
CA SER A 16 -9.12 -4.40 0.69
C SER A 16 -9.59 -5.82 0.35
N PHE A 17 -8.86 -6.51 -0.50
CA PHE A 17 -9.26 -7.90 -0.90
C PHE A 17 -8.66 -8.95 0.05
#